data_4F8A
#
_entry.id   4F8A
#
_cell.length_a   60.346
_cell.length_b   60.346
_cell.length_c   85.415
_cell.angle_alpha   90.00
_cell.angle_beta   90.00
_cell.angle_gamma   120.00
#
_symmetry.space_group_name_H-M   'P 31 2 1'
#
loop_
_entity.id
_entity.type
_entity.pdbx_description
1 polymer 'Potassium voltage-gated channel subfamily H member 1'
2 water water
#
_entity_poly.entity_id   1
_entity_poly.type   'polypeptide(L)'
_entity_poly.pdbx_seq_one_letter_code
;GSHMTEKVLQICPKDMRADICVHLNRKVFKEHPAFRLASDGCLRALAMEFQTVHCAPGDLIYHAGESVDSLCFVVSGSLE
VIQDDEVVAILGKGDVFGDVFWKEATLAQSCANVRALTYCDLHVIKRDALQKVLEFYTAFSHSFSRNLILTYNLRKRIVF
;
_entity_poly.pdbx_strand_id   A
#
# COMPACT_ATOMS: atom_id res chain seq x y z
N ASP A 15 1.84 -6.13 -28.32
CA ASP A 15 1.59 -5.19 -27.23
C ASP A 15 1.89 -5.85 -25.88
N MET A 16 2.86 -5.29 -25.17
CA MET A 16 3.31 -5.84 -23.89
C MET A 16 3.30 -4.79 -22.78
N ARG A 17 2.59 -3.67 -23.01
CA ARG A 17 2.50 -2.58 -22.02
C ARG A 17 2.14 -3.08 -20.63
N ALA A 18 1.01 -3.79 -20.52
CA ALA A 18 0.58 -4.43 -19.28
C ALA A 18 1.69 -5.29 -18.65
N ASP A 19 2.38 -6.06 -19.48
CA ASP A 19 3.36 -7.01 -18.98
C ASP A 19 4.63 -6.33 -18.51
N ILE A 20 4.94 -5.18 -19.12
CA ILE A 20 5.98 -4.29 -18.60
C ILE A 20 5.57 -3.75 -17.23
N CYS A 21 4.31 -3.37 -17.08
CA CYS A 21 3.79 -2.88 -15.79
C CYS A 21 3.82 -3.93 -14.69
N VAL A 22 3.56 -5.19 -15.06
CA VAL A 22 3.64 -6.28 -14.12
C VAL A 22 5.09 -6.38 -13.66
N HIS A 23 6.01 -6.28 -14.62
CA HIS A 23 7.44 -6.39 -14.31
C HIS A 23 7.93 -5.23 -13.46
N LEU A 24 7.46 -4.02 -13.75
CA LEU A 24 7.81 -2.86 -12.93
C LEU A 24 7.30 -2.98 -11.49
N ASN A 25 6.31 -3.85 -11.25
CA ASN A 25 5.81 -4.01 -9.89
C ASN A 25 6.32 -5.25 -9.19
N ARG A 26 7.36 -5.86 -9.76
CA ARG A 26 7.86 -7.14 -9.27
C ARG A 26 8.29 -7.14 -7.80
N LYS A 27 8.75 -6.01 -7.29
CA LYS A 27 9.20 -5.94 -5.88
C LYS A 27 8.04 -5.92 -4.87
N VAL A 28 6.84 -5.79 -5.41
CA VAL A 28 5.61 -5.98 -4.66
C VAL A 28 5.05 -7.40 -4.99
N PHE A 29 4.76 -7.64 -6.27
CA PHE A 29 4.10 -8.88 -6.73
C PHE A 29 4.86 -10.16 -6.47
N LYS A 30 6.16 -10.14 -6.66
CA LYS A 30 6.95 -11.33 -6.45
C LYS A 30 7.55 -11.38 -5.04
N GLU A 31 7.37 -10.32 -4.27
CA GLU A 31 7.95 -10.27 -2.91
C GLU A 31 6.94 -10.42 -1.79
N HIS A 32 5.76 -9.82 -1.96
N HIS A 32 5.76 -9.81 -1.95
CA HIS A 32 4.78 -9.85 -0.91
CA HIS A 32 4.76 -9.84 -0.89
C HIS A 32 3.89 -11.10 -0.95
C HIS A 32 3.89 -11.10 -0.95
N PRO A 33 3.81 -11.83 0.17
CA PRO A 33 3.08 -13.09 0.27
C PRO A 33 1.61 -12.98 -0.08
N ALA A 34 1.01 -11.82 0.14
CA ALA A 34 -0.35 -11.58 -0.31
C ALA A 34 -0.57 -11.83 -1.82
N PHE A 35 0.49 -11.84 -2.63
CA PHE A 35 0.28 -12.01 -4.08
C PHE A 35 0.61 -13.40 -4.65
N ARG A 36 0.97 -14.34 -3.78
CA ARG A 36 1.43 -15.67 -4.18
C ARG A 36 0.42 -16.41 -5.04
N LEU A 37 -0.87 -16.11 -4.85
CA LEU A 37 -1.92 -16.82 -5.57
C LEU A 37 -2.44 -16.03 -6.76
N ALA A 38 -1.91 -14.83 -6.96
CA ALA A 38 -2.38 -14.01 -8.08
C ALA A 38 -2.04 -14.64 -9.43
N SER A 39 -3.04 -14.81 -10.27
CA SER A 39 -2.84 -15.35 -11.59
C SER A 39 -2.24 -14.23 -12.46
N ASP A 40 -1.69 -14.59 -13.62
CA ASP A 40 -1.04 -13.57 -14.46
C ASP A 40 -2.04 -12.49 -14.91
N GLY A 41 -3.25 -12.90 -15.29
CA GLY A 41 -4.33 -11.99 -15.60
C GLY A 41 -4.66 -11.08 -14.44
N CYS A 42 -4.71 -11.64 -13.22
CA CYS A 42 -4.92 -10.84 -12.01
C CYS A 42 -3.82 -9.80 -11.75
N LEU A 43 -2.57 -10.23 -11.91
CA LEU A 43 -1.45 -9.31 -11.75
C LEU A 43 -1.45 -8.22 -12.82
N ARG A 44 -1.86 -8.55 -14.05
CA ARG A 44 -2.00 -7.52 -15.08
C ARG A 44 -3.04 -6.47 -14.71
N ALA A 45 -4.21 -6.91 -14.24
CA ALA A 45 -5.25 -5.98 -13.80
C ALA A 45 -4.79 -5.07 -12.64
N LEU A 46 -4.04 -5.62 -11.70
CA LEU A 46 -3.47 -4.86 -10.58
C LEU A 46 -2.41 -3.85 -11.06
N ALA A 47 -1.52 -4.30 -11.95
CA ALA A 47 -0.40 -3.48 -12.43
C ALA A 47 -0.87 -2.24 -13.19
N MET A 48 -1.99 -2.35 -13.90
CA MET A 48 -2.58 -1.19 -14.57
C MET A 48 -3.06 -0.14 -13.57
N GLU A 49 -3.28 -0.52 -12.31
CA GLU A 49 -3.86 0.40 -11.33
C GLU A 49 -2.85 0.96 -10.32
N PHE A 50 -1.77 0.21 -10.11
CA PHE A 50 -0.65 0.68 -9.29
C PHE A 50 0.07 1.90 -9.88
N GLN A 51 0.49 2.81 -9.00
CA GLN A 51 1.36 3.93 -9.38
C GLN A 51 2.58 3.93 -8.49
N THR A 52 3.72 4.21 -9.10
CA THR A 52 4.97 4.34 -8.39
C THR A 52 5.20 5.81 -8.02
N VAL A 53 5.37 6.06 -6.74
CA VAL A 53 5.61 7.39 -6.24
C VAL A 53 7.06 7.54 -5.78
N HIS A 54 7.73 8.59 -6.22
CA HIS A 54 9.11 8.87 -5.76
C HIS A 54 9.14 10.05 -4.80
N CYS A 55 9.58 9.79 -3.57
CA CYS A 55 9.72 10.81 -2.54
C CYS A 55 11.17 11.25 -2.33
N ALA A 56 11.35 12.51 -1.96
CA ALA A 56 12.61 13.00 -1.41
C ALA A 56 12.52 13.04 0.12
N PRO A 57 13.67 12.96 0.83
CA PRO A 57 13.67 13.14 2.27
C PRO A 57 12.79 14.33 2.70
N GLY A 58 11.94 14.12 3.70
CA GLY A 58 11.15 15.23 4.24
C GLY A 58 9.78 15.36 3.60
N ASP A 59 9.60 14.71 2.47
CA ASP A 59 8.30 14.71 1.80
C ASP A 59 7.21 14.06 2.65
N LEU A 60 6.05 14.70 2.74
CA LEU A 60 4.90 14.10 3.39
C LEU A 60 4.00 13.32 2.43
N ILE A 61 3.90 12.02 2.70
CA ILE A 61 3.11 11.10 1.89
C ILE A 61 1.64 11.18 2.29
N TYR A 62 1.44 11.31 3.59
CA TYR A 62 0.11 11.42 4.19
C TYR A 62 0.24 12.42 5.32
N HIS A 63 -0.75 13.31 5.46
CA HIS A 63 -0.83 14.24 6.58
C HIS A 63 -1.95 13.78 7.50
N ALA A 64 -1.84 14.02 8.80
CA ALA A 64 -2.93 13.72 9.73
C ALA A 64 -4.19 14.51 9.33
N GLY A 65 -5.33 13.82 9.34
CA GLY A 65 -6.60 14.43 8.95
C GLY A 65 -7.01 14.07 7.53
N GLU A 66 -6.04 13.66 6.74
CA GLU A 66 -6.24 13.32 5.33
C GLU A 66 -6.91 11.94 5.19
N SER A 67 -7.76 11.81 4.17
CA SER A 67 -8.49 10.57 3.92
C SER A 67 -7.58 9.43 3.43
N VAL A 68 -7.68 8.28 4.10
CA VAL A 68 -6.88 7.10 3.78
C VAL A 68 -7.55 6.26 2.68
N ASP A 69 -7.16 6.49 1.44
CA ASP A 69 -7.86 5.88 0.30
C ASP A 69 -6.93 5.06 -0.58
N SER A 70 -5.73 4.78 -0.10
CA SER A 70 -4.81 3.97 -0.87
C SER A 70 -3.93 3.03 -0.03
N LEU A 71 -3.51 1.94 -0.67
CA LEU A 71 -2.69 0.94 0.00
C LEU A 71 -1.29 1.15 -0.54
N CYS A 72 -0.33 1.34 0.35
CA CYS A 72 0.99 1.79 -0.04
C CYS A 72 2.06 0.79 0.35
N PHE A 73 2.78 0.31 -0.65
CA PHE A 73 3.88 -0.64 -0.45
C PHE A 73 5.21 0.08 -0.58
N VAL A 74 6.05 0.00 0.45
CA VAL A 74 7.37 0.59 0.41
C VAL A 74 8.29 -0.41 -0.23
N VAL A 75 8.93 -0.04 -1.33
CA VAL A 75 9.88 -0.97 -1.95
C VAL A 75 11.32 -0.53 -1.70
N SER A 76 11.48 0.72 -1.30
CA SER A 76 12.80 1.36 -1.20
C SER A 76 12.69 2.47 -0.16
N GLY A 77 13.72 2.62 0.68
CA GLY A 77 13.79 3.75 1.60
C GLY A 77 13.19 3.56 2.97
N SER A 78 13.17 4.65 3.73
CA SER A 78 12.66 4.62 5.09
C SER A 78 11.63 5.74 5.28
N LEU A 79 10.59 5.47 6.06
CA LEU A 79 9.65 6.54 6.42
C LEU A 79 9.32 6.49 7.88
N GLU A 80 9.03 7.65 8.45
CA GLU A 80 8.58 7.71 9.82
C GLU A 80 7.08 8.00 9.85
N VAL A 81 6.39 7.34 10.77
CA VAL A 81 5.00 7.64 11.02
C VAL A 81 4.93 8.50 12.26
N ILE A 82 4.11 9.55 12.21
CA ILE A 82 4.04 10.48 13.34
C ILE A 82 2.60 10.94 13.67
N GLN A 83 2.20 10.74 14.91
CA GLN A 83 0.93 11.31 15.35
C GLN A 83 1.19 12.19 16.55
N ASP A 84 0.56 13.36 16.59
CA ASP A 84 0.75 14.28 17.73
C ASP A 84 2.20 14.70 17.88
N ASP A 85 2.92 14.83 16.77
CA ASP A 85 4.32 15.24 16.78
C ASP A 85 5.20 14.22 17.51
N GLU A 86 4.76 12.97 17.52
CA GLU A 86 5.51 11.87 18.11
C GLU A 86 5.75 10.78 17.05
N VAL A 87 7.00 10.35 16.91
CA VAL A 87 7.34 9.28 15.99
C VAL A 87 6.82 7.95 16.54
N VAL A 88 5.86 7.35 15.84
CA VAL A 88 5.21 6.15 16.36
C VAL A 88 5.61 4.87 15.65
N ALA A 89 6.32 5.01 14.53
CA ALA A 89 6.75 3.85 13.75
C ALA A 89 7.71 4.26 12.65
N ILE A 90 8.52 3.30 12.23
CA ILE A 90 9.39 3.47 11.08
C ILE A 90 9.14 2.34 10.06
N LEU A 91 8.82 2.73 8.83
CA LEU A 91 8.51 1.81 7.74
C LEU A 91 9.71 1.66 6.82
N GLY A 92 9.91 0.47 6.29
CA GLY A 92 10.99 0.22 5.34
C GLY A 92 10.56 -0.76 4.28
N LYS A 93 11.52 -1.19 3.46
CA LYS A 93 11.19 -2.00 2.31
C LYS A 93 10.47 -3.25 2.77
N GLY A 94 9.38 -3.51 2.07
CA GLY A 94 8.53 -4.67 2.27
C GLY A 94 7.36 -4.37 3.20
N ASP A 95 7.34 -3.16 3.74
CA ASP A 95 6.23 -2.73 4.59
C ASP A 95 5.04 -2.23 3.76
N VAL A 96 3.86 -2.26 4.34
CA VAL A 96 2.65 -1.83 3.66
C VAL A 96 1.81 -1.06 4.67
N PHE A 97 1.31 0.10 4.25
CA PHE A 97 0.47 0.91 5.11
C PHE A 97 -0.71 1.48 4.35
N GLY A 98 -1.71 1.93 5.10
CA GLY A 98 -2.97 2.39 4.54
C GLY A 98 -4.10 1.95 5.46
N ASP A 99 -5.09 1.25 4.90
CA ASP A 99 -6.27 0.83 5.66
C ASP A 99 -6.77 -0.48 5.04
N VAL A 100 -7.50 -1.29 5.83
CA VAL A 100 -8.09 -2.53 5.34
C VAL A 100 -9.38 -2.22 4.57
N PHE A 101 -9.27 -2.04 3.26
CA PHE A 101 -10.40 -1.66 2.44
C PHE A 101 -11.29 -2.85 2.10
N TRP A 102 -10.75 -4.05 2.22
CA TRP A 102 -11.51 -5.27 1.96
C TRP A 102 -12.37 -5.67 3.13
N LYS A 103 -12.00 -5.23 4.32
CA LYS A 103 -12.80 -5.43 5.53
C LYS A 103 -13.49 -4.18 6.08
N GLU A 104 -13.25 -3.03 5.47
CA GLU A 104 -13.81 -1.78 6.00
C GLU A 104 -14.82 -1.15 5.04
N ALA A 105 -16.01 -0.89 5.56
CA ALA A 105 -17.09 -0.31 4.77
C ALA A 105 -16.80 1.12 4.26
N THR A 106 -16.21 1.94 5.12
CA THR A 106 -16.06 3.36 4.80
C THR A 106 -14.66 3.91 5.02
N LEU A 107 -14.27 4.87 4.16
CA LEU A 107 -12.99 5.56 4.27
C LEU A 107 -12.98 6.46 5.49
N ALA A 108 -11.80 6.74 6.01
CA ALA A 108 -11.68 7.52 7.24
C ALA A 108 -10.46 8.43 7.16
N GLN A 109 -10.35 9.33 8.13
CA GLN A 109 -9.24 10.27 8.16
C GLN A 109 -8.00 9.60 8.77
N SER A 110 -6.83 10.05 8.34
CA SER A 110 -5.57 9.57 8.90
C SER A 110 -5.30 10.19 10.27
N CYS A 111 -4.87 9.35 11.21
CA CYS A 111 -4.50 9.84 12.54
C CYS A 111 -3.05 10.27 12.60
N ALA A 112 -2.29 10.04 11.52
CA ALA A 112 -0.85 10.26 11.57
C ALA A 112 -0.25 10.87 10.28
N ASN A 113 0.89 11.53 10.43
CA ASN A 113 1.70 11.91 9.26
C ASN A 113 2.67 10.80 8.90
N VAL A 114 2.85 10.60 7.59
CA VAL A 114 3.91 9.74 7.05
C VAL A 114 4.89 10.61 6.27
N ARG A 115 6.11 10.70 6.78
CA ARG A 115 7.16 11.53 6.18
C ARG A 115 8.37 10.68 5.76
N ALA A 116 8.86 10.90 4.54
CA ALA A 116 10.03 10.20 4.04
C ALA A 116 11.28 10.62 4.83
N LEU A 117 12.09 9.65 5.23
CA LEU A 117 13.35 9.95 5.91
C LEU A 117 14.50 9.95 4.92
N THR A 118 14.33 9.21 3.82
CA THR A 118 15.32 9.14 2.76
C THR A 118 14.55 9.28 1.44
N TYR A 119 15.25 9.12 0.31
CA TYR A 119 14.58 8.84 -0.97
C TYR A 119 13.82 7.52 -0.87
N CYS A 120 12.57 7.52 -1.29
CA CYS A 120 11.70 6.33 -1.18
C CYS A 120 10.99 6.04 -2.48
N ASP A 121 10.86 4.77 -2.84
CA ASP A 121 9.87 4.37 -3.83
C ASP A 121 8.71 3.67 -3.13
N LEU A 122 7.51 4.16 -3.42
CA LEU A 122 6.28 3.55 -2.96
C LEU A 122 5.51 3.11 -4.17
N HIS A 123 4.89 1.95 -4.07
CA HIS A 123 3.94 1.53 -5.07
C HIS A 123 2.55 1.55 -4.44
N VAL A 124 1.66 2.34 -5.02
CA VAL A 124 0.37 2.57 -4.35
C VAL A 124 -0.79 2.26 -5.26
N ILE A 125 -1.84 1.70 -4.67
CA ILE A 125 -3.05 1.47 -5.43
C ILE A 125 -4.24 2.05 -4.65
N LYS A 126 -5.15 2.74 -5.34
CA LYS A 126 -6.34 3.34 -4.71
C LYS A 126 -7.35 2.28 -4.25
N ARG A 127 -8.07 2.57 -3.16
CA ARG A 127 -9.09 1.66 -2.64
C ARG A 127 -10.07 1.18 -3.71
N ASP A 128 -10.54 2.10 -4.53
CA ASP A 128 -11.51 1.77 -5.58
C ASP A 128 -10.96 0.75 -6.57
N ALA A 129 -9.79 1.07 -7.13
CA ALA A 129 -9.18 0.19 -8.11
C ALA A 129 -8.84 -1.18 -7.49
N LEU A 130 -8.42 -1.21 -6.23
CA LEU A 130 -8.10 -2.48 -5.58
C LEU A 130 -9.35 -3.34 -5.39
N GLN A 131 -10.39 -2.77 -4.80
CA GLN A 131 -11.65 -3.48 -4.58
C GLN A 131 -12.22 -4.09 -5.88
N LYS A 132 -12.07 -3.39 -6.99
CA LYS A 132 -12.57 -3.93 -8.26
C LYS A 132 -11.90 -5.28 -8.60
N VAL A 133 -10.57 -5.33 -8.48
CA VAL A 133 -9.82 -6.56 -8.75
C VAL A 133 -10.18 -7.68 -7.76
N LEU A 134 -10.31 -7.32 -6.49
CA LEU A 134 -10.66 -8.27 -5.44
C LEU A 134 -12.01 -8.93 -5.69
N GLU A 135 -12.98 -8.12 -6.12
CA GLU A 135 -14.35 -8.60 -6.36
C GLU A 135 -14.42 -9.57 -7.54
N PHE A 136 -13.52 -9.43 -8.50
CA PHE A 136 -13.46 -10.38 -9.61
C PHE A 136 -12.77 -11.68 -9.20
N TYR A 137 -11.52 -11.56 -8.75
CA TYR A 137 -10.67 -12.71 -8.52
C TYR A 137 -10.84 -13.27 -7.10
N THR A 138 -12.09 -13.59 -6.76
CA THR A 138 -12.46 -13.93 -5.37
C THR A 138 -11.55 -14.95 -4.65
N ALA A 139 -10.97 -15.89 -5.39
CA ALA A 139 -10.00 -16.85 -4.82
C ALA A 139 -8.73 -16.16 -4.29
N PHE A 140 -8.19 -15.26 -5.08
CA PHE A 140 -7.04 -14.48 -4.70
C PHE A 140 -7.42 -13.53 -3.56
N SER A 141 -8.61 -12.95 -3.66
CA SER A 141 -9.10 -12.00 -2.66
C SER A 141 -9.19 -12.53 -1.21
N HIS A 142 -9.41 -13.83 -1.03
CA HIS A 142 -9.45 -14.36 0.32
C HIS A 142 -8.04 -14.69 0.78
N SER A 143 -7.19 -15.13 -0.15
CA SER A 143 -5.79 -15.37 0.17
C SER A 143 -5.06 -14.05 0.42
N PHE A 144 -5.44 -13.02 -0.35
CA PHE A 144 -4.92 -11.68 -0.16
C PHE A 144 -5.27 -11.15 1.25
N SER A 145 -6.53 -11.31 1.63
CA SER A 145 -7.01 -10.80 2.90
C SER A 145 -6.26 -11.44 4.05
N ARG A 146 -6.18 -12.77 4.00
CA ARG A 146 -5.51 -13.53 5.04
C ARG A 146 -4.00 -13.27 5.10
N ASN A 147 -3.42 -12.81 3.99
CA ASN A 147 -1.97 -12.59 3.94
C ASN A 147 -1.52 -11.14 4.07
N LEU A 148 -2.41 -10.19 3.80
CA LEU A 148 -1.98 -8.80 3.89
C LEU A 148 -2.21 -8.24 5.30
N ILE A 149 -1.13 -8.20 6.07
CA ILE A 149 -1.18 -7.60 7.39
C ILE A 149 -0.54 -6.21 7.31
N LEU A 150 -1.33 -5.16 7.51
CA LEU A 150 -0.79 -3.81 7.43
C LEU A 150 0.37 -3.60 8.39
N THR A 151 1.39 -2.90 7.93
CA THR A 151 2.47 -2.56 8.84
C THR A 151 2.05 -1.36 9.70
N TYR A 152 1.32 -0.43 9.10
CA TYR A 152 0.66 0.62 9.87
C TYR A 152 -0.72 0.94 9.31
N ASN A 153 -1.71 0.91 10.19
CA ASN A 153 -3.08 1.26 9.85
C ASN A 153 -3.33 2.73 10.20
N LEU A 154 -3.20 3.62 9.22
CA LEU A 154 -3.36 5.05 9.45
C LEU A 154 -4.66 5.46 10.18
N ARG A 155 -5.66 4.58 10.19
CA ARG A 155 -6.94 4.86 10.86
C ARG A 155 -6.91 4.67 12.37
N LYS A 156 -6.11 3.70 12.83
CA LYS A 156 -6.03 3.41 14.26
C LYS A 156 -5.12 4.41 14.99
N ARG A 157 -5.61 4.89 16.14
CA ARG A 157 -4.92 5.92 16.90
C ARG A 157 -4.15 5.30 18.06
N ILE A 158 -2.85 5.57 18.11
CA ILE A 158 -2.02 5.10 19.21
C ILE A 158 -2.35 5.86 20.48
N VAL A 159 -2.62 5.14 21.56
CA VAL A 159 -2.80 5.78 22.85
C VAL A 159 -1.48 5.72 23.62
N PHE A 160 -0.93 6.90 23.91
CA PHE A 160 0.27 7.01 24.72
C PHE A 160 -0.07 6.98 26.20
#